data_3IX0
#
_entry.id   3IX0
#
_cell.length_a   107.880
_cell.length_b   107.880
_cell.length_c   92.130
_cell.angle_alpha   90.00
_cell.angle_beta   90.00
_cell.angle_gamma   90.00
#
_symmetry.space_group_name_H-M   'P 41 21 2'
#
loop_
_entity.id
_entity.type
_entity.pdbx_description
1 polymer Beta-microseminoprotein
2 water water
#
_entity_poly.entity_id   1
_entity_poly.type   'polypeptide(L)'
_entity_poly.pdbx_seq_one_letter_code
;SCYFIPNEGVPGDSTRKCMDLKGNKHPINSEWQTDNCETCTCYETEISCCTLVSTPVGYDKDNCQRIFKKEDCKYIVVEK
KDPKKTCSVSEWII
;
_entity_poly.pdbx_strand_id   A,B,C,D
#
# COMPACT_ATOMS: atom_id res chain seq x y z
N SER A 1 15.56 -11.32 -11.05
CA SER A 1 14.28 -10.64 -11.07
C SER A 1 13.85 -10.19 -9.67
N CYS A 2 12.88 -9.27 -9.66
CA CYS A 2 12.50 -8.55 -8.45
C CYS A 2 10.98 -8.48 -8.29
N TYR A 3 10.51 -8.42 -7.05
CA TYR A 3 9.15 -7.96 -6.79
C TYR A 3 9.17 -6.60 -6.09
N PHE A 4 8.11 -5.83 -6.29
CA PHE A 4 7.93 -4.50 -5.72
C PHE A 4 6.54 -4.45 -5.09
N ILE A 5 6.48 -4.12 -3.81
CA ILE A 5 5.21 -4.00 -3.11
C ILE A 5 5.16 -2.69 -2.31
N PRO A 6 3.94 -2.22 -1.99
CA PRO A 6 3.77 -0.98 -1.23
C PRO A 6 4.32 -1.14 0.17
N ASN A 7 5.04 -0.13 0.63
CA ASN A 7 5.45 -0.14 2.02
C ASN A 7 4.34 0.52 2.82
N GLU A 8 3.56 -0.27 3.56
CA GLU A 8 2.43 0.25 4.31
C GLU A 8 2.87 0.80 5.66
N GLY A 9 4.11 0.53 6.03
CA GLY A 9 4.69 1.07 7.25
C GLY A 9 4.27 0.33 8.51
N LYS A 17 10.73 3.69 8.95
CA LYS A 17 11.32 2.38 8.71
C LYS A 17 10.42 1.49 7.85
N CYS A 18 10.89 0.28 7.55
CA CYS A 18 10.06 -0.71 6.86
C CYS A 18 10.20 -2.05 7.56
N MET A 19 9.25 -2.94 7.31
CA MET A 19 9.25 -4.26 7.93
C MET A 19 9.19 -5.36 6.88
N ASP A 20 9.95 -6.42 7.08
CA ASP A 20 9.96 -7.52 6.12
C ASP A 20 9.00 -8.60 6.58
N LEU A 21 8.89 -9.67 5.78
CA LEU A 21 8.02 -10.79 6.11
C LEU A 21 8.36 -11.43 7.45
N LYS A 22 9.64 -11.43 7.80
CA LYS A 22 10.14 -12.12 8.98
C LYS A 22 10.11 -11.23 10.22
N GLY A 23 9.41 -10.11 10.12
CA GLY A 23 9.21 -9.24 11.26
C GLY A 23 10.25 -8.18 11.49
N ASN A 24 11.49 -8.46 11.08
CA ASN A 24 12.58 -7.49 11.22
C ASN A 24 12.21 -6.14 10.63
N LYS A 25 12.63 -5.08 11.29
CA LYS A 25 12.45 -3.73 10.79
C LYS A 25 13.75 -3.25 10.15
N HIS A 26 13.64 -2.42 9.11
CA HIS A 26 14.83 -1.91 8.44
C HIS A 26 14.72 -0.40 8.24
N PRO A 27 15.83 0.31 8.41
CA PRO A 27 15.87 1.74 8.11
C PRO A 27 15.61 1.96 6.61
N ILE A 28 14.80 2.96 6.33
CA ILE A 28 14.49 3.31 4.95
C ILE A 28 15.77 3.65 4.16
N ASN A 29 15.70 3.46 2.85
CA ASN A 29 16.85 3.67 1.97
C ASN A 29 17.98 2.66 2.21
N SER A 30 17.71 1.68 3.06
CA SER A 30 18.69 0.64 3.37
C SER A 30 18.49 -0.61 2.53
N GLU A 31 19.60 -1.31 2.28
CA GLU A 31 19.61 -2.62 1.62
C GLU A 31 19.92 -3.68 2.66
N TRP A 32 19.37 -4.87 2.49
CA TRP A 32 19.78 -5.98 3.33
C TRP A 32 19.69 -7.25 2.51
N GLN A 33 20.49 -8.24 2.86
CA GLN A 33 20.42 -9.53 2.20
C GLN A 33 19.66 -10.53 3.05
N THR A 34 18.72 -11.25 2.45
CA THR A 34 17.91 -12.20 3.21
C THR A 34 18.64 -13.52 3.44
N ASP A 35 17.93 -14.45 4.05
CA ASP A 35 18.42 -15.80 4.29
C ASP A 35 18.39 -16.60 2.98
N ASN A 36 17.78 -15.99 1.97
CA ASN A 36 17.30 -16.71 0.81
C ASN A 36 17.95 -16.19 -0.49
N CYS A 37 19.16 -15.68 -0.37
CA CYS A 37 19.87 -15.15 -1.54
C CYS A 37 19.07 -14.09 -2.28
N GLU A 38 18.46 -13.20 -1.53
CA GLU A 38 17.81 -12.03 -2.09
C GLU A 38 18.38 -10.77 -1.48
N THR A 39 18.42 -9.73 -2.29
CA THR A 39 18.79 -8.41 -1.81
C THR A 39 17.52 -7.53 -1.85
N CYS A 40 17.21 -6.90 -0.72
CA CYS A 40 15.99 -6.12 -0.59
C CYS A 40 16.31 -4.70 -0.21
N THR A 41 15.45 -3.79 -0.64
CA THR A 41 15.57 -2.37 -0.31
C THR A 41 14.21 -1.83 0.16
N CYS A 42 14.24 -1.02 1.20
CA CYS A 42 13.05 -0.26 1.58
C CYS A 42 13.16 1.19 1.15
N TYR A 43 12.21 1.60 0.34
CA TYR A 43 12.07 3.00 0.02
C TYR A 43 10.94 3.55 0.90
N GLU A 44 10.88 4.87 1.04
CA GLU A 44 9.83 5.47 1.82
C GLU A 44 8.51 4.88 1.37
N THR A 45 8.36 4.75 0.05
CA THR A 45 7.09 4.38 -0.54
C THR A 45 6.89 2.88 -0.80
N GLU A 46 7.96 2.14 -1.05
CA GLU A 46 7.80 0.75 -1.47
C GLU A 46 8.90 -0.20 -0.99
N ILE A 47 8.58 -1.49 -1.08
CA ILE A 47 9.55 -2.51 -0.75
C ILE A 47 9.87 -3.37 -1.97
N SER A 48 11.17 -3.60 -2.18
CA SER A 48 11.66 -4.31 -3.36
C SER A 48 12.62 -5.44 -2.99
N CYS A 49 12.45 -6.61 -3.60
CA CYS A 49 13.38 -7.71 -3.37
C CYS A 49 13.76 -8.35 -4.71
N CYS A 50 15.06 -8.62 -4.88
CA CYS A 50 15.56 -9.25 -6.10
C CYS A 50 16.45 -10.41 -5.74
N THR A 51 16.46 -11.43 -6.59
CA THR A 51 17.34 -12.55 -6.37
C THR A 51 18.77 -12.18 -6.76
N LEU A 52 19.73 -12.70 -6.00
CA LEU A 52 21.14 -12.57 -6.33
C LEU A 52 21.64 -13.72 -7.20
N VAL A 53 20.77 -14.70 -7.46
CA VAL A 53 21.21 -15.92 -8.14
C VAL A 53 21.06 -15.91 -9.67
N SER A 54 22.18 -16.03 -10.39
CA SER A 54 22.13 -16.32 -11.81
C SER A 54 21.95 -17.83 -12.00
N THR A 55 20.88 -18.19 -12.70
CA THR A 55 20.59 -19.57 -13.01
C THR A 55 21.14 -19.92 -14.37
N PRO A 56 22.01 -20.93 -14.43
CA PRO A 56 22.53 -21.40 -15.72
C PRO A 56 21.48 -22.26 -16.38
N VAL A 57 21.22 -22.04 -17.66
CA VAL A 57 20.18 -22.80 -18.33
C VAL A 57 20.70 -23.41 -19.63
N GLY A 58 21.79 -22.88 -20.13
CA GLY A 58 22.36 -23.35 -21.38
C GLY A 58 23.63 -24.15 -21.14
N TYR A 59 23.49 -25.47 -21.11
CA TYR A 59 24.63 -26.35 -20.89
C TYR A 59 24.30 -27.83 -21.22
N ASP A 60 25.30 -28.69 -21.27
CA ASP A 60 25.10 -30.11 -21.58
C ASP A 60 24.44 -30.81 -20.39
N LYS A 61 23.12 -31.05 -20.50
CA LYS A 61 22.34 -31.57 -19.38
C LYS A 61 22.36 -33.09 -19.26
N ASP A 62 22.92 -33.79 -20.25
CA ASP A 62 23.05 -35.24 -20.17
C ASP A 62 24.31 -35.59 -19.39
N ASN A 63 25.36 -34.81 -19.62
CA ASN A 63 26.64 -35.03 -19.00
C ASN A 63 26.89 -34.16 -17.77
N CYS A 64 26.16 -33.06 -17.68
CA CYS A 64 26.46 -32.04 -16.69
C CYS A 64 25.25 -31.72 -15.80
N GLN A 65 25.53 -31.20 -14.61
CA GLN A 65 24.45 -30.83 -13.72
C GLN A 65 24.80 -29.53 -13.05
N ARG A 66 23.77 -28.78 -12.65
CA ARG A 66 23.99 -27.56 -11.92
C ARG A 66 23.75 -27.81 -10.44
N ILE A 67 24.64 -27.27 -9.63
CA ILE A 67 24.55 -27.50 -8.21
C ILE A 67 24.60 -26.17 -7.48
N PHE A 68 23.55 -25.86 -6.75
CA PHE A 68 23.48 -24.59 -6.03
C PHE A 68 24.46 -24.59 -4.84
N LYS A 69 25.09 -23.45 -4.61
CA LYS A 69 25.86 -23.23 -3.39
C LYS A 69 25.24 -22.04 -2.66
N LYS A 70 24.42 -22.32 -1.66
CA LYS A 70 23.64 -21.31 -0.98
C LYS A 70 24.45 -20.22 -0.32
N GLU A 71 25.51 -20.61 0.38
CA GLU A 71 26.37 -19.66 1.06
C GLU A 71 26.95 -18.64 0.08
N ASP A 72 27.18 -19.06 -1.16
CA ASP A 72 27.76 -18.16 -2.15
C ASP A 72 26.70 -17.56 -3.07
N CYS A 73 25.45 -17.96 -2.87
CA CYS A 73 24.37 -17.59 -3.76
C CYS A 73 24.77 -17.71 -5.22
N LYS A 74 25.24 -18.89 -5.60
CA LYS A 74 25.67 -19.14 -6.98
C LYS A 74 25.56 -20.61 -7.33
N TYR A 75 25.49 -20.89 -8.63
CA TYR A 75 25.48 -22.25 -9.14
C TYR A 75 26.85 -22.57 -9.69
N ILE A 76 27.21 -23.84 -9.61
CA ILE A 76 28.27 -24.36 -10.45
C ILE A 76 27.59 -25.35 -11.36
N VAL A 77 28.18 -25.56 -12.53
CA VAL A 77 27.68 -26.56 -13.45
C VAL A 77 28.84 -27.51 -13.71
N VAL A 78 28.65 -28.78 -13.37
CA VAL A 78 29.75 -29.72 -13.42
C VAL A 78 29.34 -31.05 -14.07
N GLU A 79 30.35 -31.89 -14.31
CA GLU A 79 30.12 -33.21 -14.88
C GLU A 79 29.49 -34.12 -13.83
N LYS A 80 28.43 -34.81 -14.23
CA LYS A 80 27.79 -35.77 -13.35
C LYS A 80 28.80 -36.85 -12.92
N LYS A 81 29.56 -37.37 -13.87
CA LYS A 81 30.55 -38.40 -13.55
C LYS A 81 31.75 -37.87 -12.75
N ASP A 82 31.93 -36.55 -12.71
CA ASP A 82 32.97 -35.96 -11.85
C ASP A 82 32.68 -34.50 -11.51
N PRO A 83 31.87 -34.27 -10.45
CA PRO A 83 31.43 -32.93 -10.06
C PRO A 83 32.55 -31.96 -9.68
N LYS A 84 33.80 -32.38 -9.78
CA LYS A 84 34.92 -31.49 -9.56
C LYS A 84 35.38 -30.86 -10.87
N LYS A 85 34.86 -31.35 -11.98
CA LYS A 85 35.19 -30.84 -13.30
C LYS A 85 34.03 -29.99 -13.83
N THR A 86 34.33 -28.78 -14.29
CA THR A 86 33.28 -27.86 -14.71
C THR A 86 32.90 -28.07 -16.17
N CYS A 87 31.64 -27.79 -16.48
CA CYS A 87 31.16 -27.78 -17.86
C CYS A 87 30.93 -26.34 -18.27
N SER A 88 31.06 -26.07 -19.57
CA SER A 88 30.89 -24.71 -20.08
C SER A 88 29.41 -24.40 -20.20
N VAL A 89 29.05 -23.15 -19.93
CA VAL A 89 27.66 -22.72 -19.98
C VAL A 89 27.49 -21.64 -21.05
N SER A 90 26.43 -21.76 -21.83
CA SER A 90 26.20 -20.84 -22.94
C SER A 90 25.10 -19.82 -22.64
N GLU A 91 24.43 -19.96 -21.49
CA GLU A 91 23.41 -18.99 -21.12
C GLU A 91 23.05 -19.01 -19.63
N TRP A 92 23.00 -17.82 -19.05
CA TRP A 92 22.53 -17.66 -17.69
C TRP A 92 21.31 -16.77 -17.69
N ILE A 93 20.47 -16.95 -16.68
CA ILE A 93 19.30 -16.11 -16.51
C ILE A 93 19.24 -15.65 -15.07
N ILE A 94 18.89 -14.37 -14.88
CA ILE A 94 18.63 -13.86 -13.54
C ILE A 94 17.43 -12.94 -13.53
N SER B 1 14.19 -9.23 -15.29
CA SER B 1 14.81 -10.49 -15.65
C SER B 1 15.80 -10.24 -16.77
N CYS B 2 16.95 -10.91 -16.70
CA CYS B 2 18.01 -10.71 -17.67
C CYS B 2 18.48 -12.06 -18.19
N TYR B 3 19.00 -12.08 -19.41
CA TYR B 3 19.78 -13.22 -19.86
C TYR B 3 21.20 -12.75 -20.13
N PHE B 4 22.14 -13.69 -20.04
CA PHE B 4 23.55 -13.48 -20.34
C PHE B 4 24.00 -14.59 -21.29
N ILE B 5 24.57 -14.20 -22.43
CA ILE B 5 25.07 -15.16 -23.39
C ILE B 5 26.47 -14.75 -23.77
N PRO B 6 27.22 -15.68 -24.36
CA PRO B 6 28.60 -15.42 -24.78
C PRO B 6 28.63 -14.31 -25.80
N ASN B 7 29.68 -13.50 -25.78
CA ASN B 7 29.95 -12.58 -26.87
C ASN B 7 30.87 -13.24 -27.90
N GLU B 8 30.35 -13.61 -29.06
CA GLU B 8 31.22 -14.21 -30.07
C GLU B 8 31.86 -13.16 -30.97
N GLY B 9 31.40 -11.91 -30.83
CA GLY B 9 31.84 -10.84 -31.70
C GLY B 9 31.39 -11.15 -33.11
N VAL B 10 32.02 -10.52 -34.09
CA VAL B 10 31.76 -10.85 -35.48
C VAL B 10 33.01 -11.42 -36.15
N PRO B 11 33.02 -12.75 -36.39
CA PRO B 11 34.15 -13.41 -37.02
C PRO B 11 34.52 -12.70 -38.31
N GLY B 12 35.82 -12.53 -38.55
CA GLY B 12 36.28 -11.76 -39.69
C GLY B 12 36.57 -10.32 -39.31
N ASP B 13 35.79 -9.78 -38.37
CA ASP B 13 36.03 -8.41 -37.89
C ASP B 13 37.32 -8.34 -37.10
N SER B 14 37.91 -7.16 -37.06
CA SER B 14 39.17 -6.98 -36.36
C SER B 14 38.96 -6.55 -34.91
N THR B 15 37.73 -6.67 -34.43
CA THR B 15 37.39 -6.29 -33.06
C THR B 15 36.21 -7.11 -32.54
N ARG B 16 36.02 -7.13 -31.23
CA ARG B 16 35.00 -7.98 -30.62
C ARG B 16 33.70 -7.24 -30.29
N LYS B 17 33.47 -6.14 -30.99
CA LYS B 17 32.20 -5.45 -30.88
C LYS B 17 31.08 -6.47 -30.88
N CYS B 18 30.08 -6.27 -30.03
CA CYS B 18 28.92 -7.15 -29.99
C CYS B 18 27.98 -6.84 -31.13
N MET B 19 27.52 -7.86 -31.84
CA MET B 19 26.45 -7.67 -32.82
C MET B 19 25.09 -8.00 -32.23
N ASP B 20 24.11 -7.13 -32.48
CA ASP B 20 22.77 -7.38 -31.98
C ASP B 20 21.94 -8.13 -33.03
N LEU B 21 20.66 -8.31 -32.76
CA LEU B 21 19.82 -9.11 -33.63
C LEU B 21 19.49 -8.36 -34.93
N LYS B 22 19.46 -7.04 -34.88
CA LYS B 22 19.13 -6.22 -36.04
C LYS B 22 20.35 -5.75 -36.86
N GLY B 23 21.49 -6.41 -36.68
CA GLY B 23 22.68 -6.06 -37.43
C GLY B 23 23.50 -4.84 -37.02
N ASN B 24 23.22 -4.25 -35.86
CA ASN B 24 24.07 -3.18 -35.33
C ASN B 24 25.23 -3.73 -34.49
N LYS B 25 26.42 -3.17 -34.72
CA LYS B 25 27.55 -3.49 -33.87
C LYS B 25 27.69 -2.44 -32.78
N HIS B 26 28.05 -2.92 -31.60
CA HIS B 26 28.14 -2.07 -30.43
C HIS B 26 29.51 -2.16 -29.81
N PRO B 27 30.01 -1.03 -29.33
CA PRO B 27 31.32 -0.95 -28.68
C PRO B 27 31.35 -1.78 -27.40
N ILE B 28 32.50 -2.37 -27.10
CA ILE B 28 32.70 -3.06 -25.84
C ILE B 28 32.37 -2.06 -24.75
N ASN B 29 31.66 -2.52 -23.73
CA ASN B 29 31.20 -1.70 -22.61
C ASN B 29 30.11 -0.66 -22.91
N SER B 30 29.36 -0.85 -23.99
CA SER B 30 28.26 0.09 -24.27
C SER B 30 26.88 -0.51 -23.97
N GLU B 31 25.93 0.38 -23.67
CA GLU B 31 24.55 -0.02 -23.42
C GLU B 31 23.66 0.52 -24.53
N TRP B 32 22.64 -0.25 -24.90
CA TRP B 32 21.62 0.26 -25.82
C TRP B 32 20.23 -0.25 -25.47
N GLN B 33 19.21 0.46 -25.93
CA GLN B 33 17.85 -0.02 -25.78
C GLN B 33 17.44 -0.64 -27.11
N THR B 34 16.71 -1.75 -27.03
CA THR B 34 16.24 -2.43 -28.23
C THR B 34 14.90 -1.85 -28.66
N ASP B 35 14.26 -2.54 -29.60
CA ASP B 35 12.93 -2.13 -30.05
C ASP B 35 11.84 -2.98 -29.41
N ASN B 36 12.19 -3.69 -28.35
CA ASN B 36 11.21 -4.50 -27.65
C ASN B 36 11.38 -4.34 -26.16
N CYS B 37 11.57 -3.08 -25.75
CA CYS B 37 11.58 -2.74 -24.33
C CYS B 37 12.62 -3.52 -23.55
N GLU B 38 13.84 -3.59 -24.08
CA GLU B 38 14.95 -4.17 -23.35
C GLU B 38 16.12 -3.24 -23.30
N THR B 39 16.91 -3.39 -22.26
CA THR B 39 18.21 -2.74 -22.20
C THR B 39 19.28 -3.83 -22.23
N CYS B 40 20.18 -3.72 -23.19
CA CYS B 40 21.26 -4.68 -23.39
C CYS B 40 22.61 -4.03 -23.16
N THR B 41 23.58 -4.82 -22.71
CA THR B 41 24.93 -4.33 -22.50
C THR B 41 25.95 -5.27 -23.13
N CYS B 42 26.90 -4.69 -23.87
CA CYS B 42 27.92 -5.45 -24.56
C CYS B 42 29.20 -5.51 -23.73
N TYR B 43 29.66 -6.70 -23.38
CA TYR B 43 30.96 -6.83 -22.72
C TYR B 43 31.90 -7.68 -23.54
N GLU B 44 33.16 -7.55 -23.17
CA GLU B 44 34.23 -8.36 -23.73
C GLU B 44 33.76 -9.80 -23.93
N THR B 45 33.29 -10.45 -22.87
CA THR B 45 33.02 -11.87 -22.96
C THR B 45 31.55 -12.26 -22.95
N GLU B 46 30.66 -11.28 -22.83
CA GLU B 46 29.25 -11.60 -22.73
C GLU B 46 28.34 -10.46 -23.18
N ILE B 47 27.10 -10.81 -23.48
CA ILE B 47 26.06 -9.85 -23.74
C ILE B 47 24.93 -10.16 -22.78
N SER B 48 24.41 -9.13 -22.13
CA SER B 48 23.24 -9.28 -21.30
C SER B 48 22.10 -8.41 -21.85
N CYS B 49 20.88 -8.92 -21.78
CA CYS B 49 19.71 -8.11 -22.07
C CYS B 49 18.74 -8.26 -20.92
N CYS B 50 18.17 -7.14 -20.47
CA CYS B 50 17.22 -7.15 -19.37
C CYS B 50 15.95 -6.43 -19.82
N THR B 51 14.80 -6.91 -19.38
CA THR B 51 13.57 -6.24 -19.75
C THR B 51 13.44 -4.91 -19.01
N LEU B 52 12.87 -3.92 -19.68
CA LEU B 52 12.52 -2.70 -18.95
C LEU B 52 11.10 -2.76 -18.40
N VAL B 53 10.35 -3.81 -18.72
CA VAL B 53 8.92 -3.82 -18.40
C VAL B 53 8.62 -4.41 -17.03
N SER B 54 7.99 -3.61 -16.17
CA SER B 54 7.46 -4.10 -14.92
C SER B 54 6.02 -4.62 -15.09
N THR B 55 5.82 -5.91 -14.81
CA THR B 55 4.53 -6.56 -14.96
C THR B 55 3.75 -6.56 -13.65
N PRO B 56 2.58 -5.91 -13.64
CA PRO B 56 1.73 -5.95 -12.44
C PRO B 56 1.13 -7.32 -12.28
N VAL B 57 1.21 -7.89 -11.08
CA VAL B 57 0.73 -9.25 -10.85
C VAL B 57 -0.23 -9.31 -9.67
N GLY B 58 -0.26 -8.26 -8.87
CA GLY B 58 -1.17 -8.22 -7.74
C GLY B 58 -2.18 -7.08 -7.85
N TYR B 59 -3.41 -7.44 -8.17
CA TYR B 59 -4.51 -6.51 -8.25
C TYR B 59 -5.80 -7.30 -8.39
N ASP B 60 -6.92 -6.60 -8.35
CA ASP B 60 -8.25 -7.19 -8.46
C ASP B 60 -8.54 -7.65 -9.88
N LYS B 61 -8.34 -8.93 -10.15
CA LYS B 61 -8.47 -9.46 -11.50
C LYS B 61 -9.92 -9.54 -11.95
N ASP B 62 -10.84 -9.52 -10.99
CA ASP B 62 -12.26 -9.51 -11.32
C ASP B 62 -12.68 -8.21 -11.98
N ASN B 63 -12.34 -7.11 -11.34
CA ASN B 63 -12.83 -5.81 -11.80
C ASN B 63 -11.83 -4.98 -12.62
N CYS B 64 -10.58 -5.43 -12.66
CA CYS B 64 -9.50 -4.67 -13.30
C CYS B 64 -8.73 -5.53 -14.28
N GLN B 65 -8.11 -4.88 -15.26
CA GLN B 65 -7.31 -5.58 -16.22
C GLN B 65 -6.01 -4.81 -16.44
N ARG B 66 -4.96 -5.50 -16.87
CA ARG B 66 -3.73 -4.82 -17.24
C ARG B 66 -3.64 -4.68 -18.76
N ILE B 67 -3.15 -3.54 -19.21
CA ILE B 67 -3.06 -3.29 -20.63
C ILE B 67 -1.63 -2.78 -20.91
N PHE B 68 -0.97 -3.42 -21.86
CA PHE B 68 0.42 -3.09 -22.17
C PHE B 68 0.49 -1.90 -23.10
N LYS B 69 1.35 -0.94 -22.80
CA LYS B 69 1.58 0.19 -23.70
C LYS B 69 3.01 0.10 -24.24
N LYS B 70 3.15 -0.48 -25.43
CA LYS B 70 4.45 -0.80 -25.99
C LYS B 70 5.33 0.44 -26.01
N GLU B 71 4.79 1.53 -26.53
CA GLU B 71 5.53 2.77 -26.74
C GLU B 71 6.16 3.30 -25.46
N ASP B 72 5.58 2.96 -24.31
CA ASP B 72 6.14 3.43 -23.04
C ASP B 72 6.74 2.27 -22.27
N CYS B 73 6.83 1.11 -22.92
CA CYS B 73 7.36 -0.08 -22.27
C CYS B 73 6.80 -0.24 -20.87
N LYS B 74 5.48 -0.09 -20.73
CA LYS B 74 4.88 -0.29 -19.42
C LYS B 74 3.43 -0.75 -19.49
N TYR B 75 2.90 -1.18 -18.35
CA TYR B 75 1.49 -1.51 -18.23
C TYR B 75 0.73 -0.42 -17.50
N ILE B 76 -0.54 -0.27 -17.85
CA ILE B 76 -1.48 0.40 -16.98
C ILE B 76 -2.44 -0.66 -16.45
N VAL B 77 -3.07 -0.38 -15.32
CA VAL B 77 -4.01 -1.30 -14.72
C VAL B 77 -5.28 -0.54 -14.41
N VAL B 78 -6.38 -0.96 -15.04
CA VAL B 78 -7.56 -0.14 -15.13
C VAL B 78 -8.84 -0.94 -14.95
N GLU B 79 -9.92 -0.25 -14.67
CA GLU B 79 -11.21 -0.89 -14.49
C GLU B 79 -11.73 -1.45 -15.81
N LYS B 80 -12.22 -2.70 -15.75
CA LYS B 80 -12.87 -3.32 -16.90
C LYS B 80 -14.06 -2.51 -17.41
N LYS B 81 -14.91 -2.04 -16.49
CA LYS B 81 -16.11 -1.30 -16.88
C LYS B 81 -15.80 0.11 -17.38
N ASP B 82 -14.55 0.55 -17.20
CA ASP B 82 -14.14 1.88 -17.67
C ASP B 82 -12.64 2.08 -17.56
N PRO B 83 -11.92 1.73 -18.62
CA PRO B 83 -10.44 1.75 -18.63
C PRO B 83 -9.85 3.14 -18.41
N LYS B 84 -10.70 4.16 -18.26
CA LYS B 84 -10.21 5.48 -17.89
C LYS B 84 -10.05 5.58 -16.37
N LYS B 85 -10.51 4.55 -15.67
CA LYS B 85 -10.37 4.50 -14.22
C LYS B 85 -9.24 3.57 -13.86
N THR B 86 -8.35 4.04 -12.98
CA THR B 86 -7.17 3.26 -12.57
C THR B 86 -7.42 2.44 -11.33
N CYS B 87 -6.84 1.25 -11.27
CA CYS B 87 -6.94 0.41 -10.08
C CYS B 87 -5.64 0.47 -9.30
N SER B 88 -5.65 0.00 -8.06
CA SER B 88 -4.42 -0.05 -7.29
C SER B 88 -3.74 -1.40 -7.47
N VAL B 89 -2.42 -1.38 -7.53
CA VAL B 89 -1.60 -2.57 -7.72
C VAL B 89 -0.77 -2.82 -6.48
N SER B 90 -0.96 -3.97 -5.87
CA SER B 90 -0.22 -4.30 -4.67
C SER B 90 1.12 -5.00 -4.95
N GLU B 91 1.30 -5.54 -6.15
CA GLU B 91 2.57 -6.20 -6.48
C GLU B 91 2.96 -6.14 -7.96
N TRP B 92 4.16 -5.63 -8.21
CA TRP B 92 4.75 -5.61 -9.54
C TRP B 92 5.94 -6.56 -9.58
N ILE B 93 6.23 -7.08 -10.76
CA ILE B 93 7.40 -7.92 -10.93
C ILE B 93 8.16 -7.51 -12.16
N ILE B 94 9.49 -7.54 -12.09
CA ILE B 94 10.33 -7.21 -13.23
C ILE B 94 11.62 -8.00 -13.27
N SER C 1 -14.66 8.18 15.38
CA SER C 1 -16.04 8.56 15.57
C SER C 1 -16.29 9.20 16.93
N CYS C 2 -17.25 10.13 16.94
CA CYS C 2 -17.57 10.89 18.14
C CYS C 2 -19.08 10.95 18.36
N TYR C 3 -19.48 11.23 19.59
CA TYR C 3 -20.86 11.60 19.84
C TYR C 3 -20.89 12.97 20.46
N PHE C 4 -22.00 13.67 20.25
CA PHE C 4 -22.22 15.00 20.80
C PHE C 4 -23.55 15.01 21.53
N ILE C 5 -23.55 15.56 22.73
CA ILE C 5 -24.77 15.65 23.52
C ILE C 5 -24.79 17.03 24.13
N PRO C 6 -25.96 17.47 24.58
CA PRO C 6 -25.98 18.80 25.21
C PRO C 6 -25.17 18.78 26.50
N ASN C 7 -24.75 19.96 26.94
CA ASN C 7 -24.14 20.10 28.25
C ASN C 7 -25.21 20.48 29.26
N GLU C 8 -25.89 19.48 29.79
CA GLU C 8 -27.00 19.66 30.71
C GLU C 8 -26.55 20.29 32.02
N GLY C 9 -27.20 21.38 32.41
CA GLY C 9 -26.97 21.97 33.71
C GLY C 9 -27.52 21.10 34.85
N VAL C 10 -26.79 21.06 35.94
CA VAL C 10 -27.14 20.21 37.08
C VAL C 10 -27.91 21.01 38.14
N PRO C 11 -29.25 20.90 38.15
CA PRO C 11 -30.05 21.71 39.07
C PRO C 11 -29.55 21.52 40.49
N GLY C 12 -29.07 22.60 41.10
CA GLY C 12 -28.48 22.54 42.41
C GLY C 12 -26.98 22.78 42.41
N ASP C 13 -26.42 23.13 41.26
CA ASP C 13 -25.01 23.49 41.20
C ASP C 13 -24.76 24.96 40.89
N SER C 14 -23.61 25.45 41.36
CA SER C 14 -23.23 26.84 41.14
C SER C 14 -22.74 27.03 39.71
N THR C 15 -21.72 26.27 39.34
CA THR C 15 -21.20 26.32 37.99
C THR C 15 -21.65 25.12 37.19
N ARG C 16 -21.95 25.35 35.92
CA ARG C 16 -22.16 24.27 34.98
C ARG C 16 -20.81 23.89 34.42
N LYS C 17 -20.13 23.00 35.12
CA LYS C 17 -18.97 22.35 34.55
C LYS C 17 -19.54 21.12 33.89
N CYS C 18 -18.73 20.39 33.14
CA CYS C 18 -19.24 19.18 32.54
C CYS C 18 -19.18 18.02 33.52
N MET C 19 -20.22 17.22 33.52
CA MET C 19 -20.27 16.03 34.34
C MET C 19 -20.25 14.82 33.42
N ASP C 20 -19.39 13.85 33.73
CA ASP C 20 -19.26 12.65 32.91
C ASP C 20 -20.12 11.51 33.44
N LEU C 21 -20.11 10.39 32.72
CA LEU C 21 -20.91 9.23 33.10
C LEU C 21 -20.58 8.69 34.50
N LYS C 22 -19.39 9.01 35.01
CA LYS C 22 -18.97 8.52 36.33
C LYS C 22 -19.22 9.57 37.40
N GLY C 23 -20.02 10.59 37.06
CA GLY C 23 -20.36 11.65 37.99
C GLY C 23 -19.33 12.75 38.09
N ASN C 24 -18.10 12.45 37.72
CA ASN C 24 -17.00 13.42 37.85
C ASN C 24 -17.23 14.73 37.10
N LYS C 25 -16.54 15.77 37.54
CA LYS C 25 -16.77 17.11 37.04
C LYS C 25 -15.56 17.60 36.25
N HIS C 26 -15.81 18.33 35.18
CA HIS C 26 -14.72 18.80 34.34
C HIS C 26 -14.94 20.26 33.98
N PRO C 27 -13.85 21.02 33.90
CA PRO C 27 -13.91 22.45 33.54
C PRO C 27 -14.50 22.67 32.15
N ILE C 28 -15.06 23.84 31.93
CA ILE C 28 -15.50 24.22 30.60
C ILE C 28 -14.27 24.39 29.71
N ASN C 29 -14.40 24.03 28.44
CA ASN C 29 -13.29 24.12 27.49
C ASN C 29 -12.07 23.23 27.81
N SER C 30 -12.25 22.25 28.69
CA SER C 30 -11.17 21.29 28.97
C SER C 30 -11.36 19.98 28.19
N GLU C 31 -10.25 19.37 27.78
CA GLU C 31 -10.28 18.01 27.23
C GLU C 31 -9.87 17.02 28.31
N TRP C 32 -10.56 15.88 28.36
CA TRP C 32 -10.14 14.81 29.25
C TRP C 32 -10.18 13.46 28.56
N GLN C 33 -9.44 12.50 29.11
CA GLN C 33 -9.40 11.14 28.56
C GLN C 33 -10.16 10.19 29.48
N THR C 34 -11.11 9.46 28.93
CA THR C 34 -11.87 8.50 29.70
C THR C 34 -11.02 7.28 30.00
N ASP C 35 -11.62 6.32 30.70
CA ASP C 35 -10.94 5.08 31.03
C ASP C 35 -11.19 4.05 29.93
N ASN C 36 -11.83 4.52 28.85
CA ASN C 36 -12.23 3.67 27.73
C ASN C 36 -11.66 4.19 26.39
N CYS C 37 -10.44 4.68 26.44
CA CYS C 37 -9.79 5.18 25.24
C CYS C 37 -10.64 6.15 24.41
N GLU C 38 -11.37 7.03 25.09
CA GLU C 38 -11.97 8.18 24.44
C GLU C 38 -11.38 9.47 24.97
N THR C 39 -11.35 10.46 24.10
CA THR C 39 -11.05 11.81 24.56
C THR C 39 -12.35 12.61 24.50
N CYS C 40 -12.73 13.21 25.63
CA CYS C 40 -13.91 14.07 25.66
C CYS C 40 -13.56 15.54 25.84
N THR C 41 -14.36 16.40 25.25
CA THR C 41 -14.22 17.83 25.39
C THR C 41 -15.49 18.45 25.94
N CYS C 42 -15.32 19.27 26.96
CA CYS C 42 -16.42 19.95 27.61
C CYS C 42 -16.58 21.34 27.03
N TYR C 43 -17.75 21.64 26.47
CA TYR C 43 -18.03 22.97 25.94
C TYR C 43 -19.15 23.61 26.73
N GLU C 44 -19.29 24.92 26.61
CA GLU C 44 -20.37 25.60 27.30
C GLU C 44 -21.72 24.95 27.00
N THR C 45 -22.00 24.69 25.72
CA THR C 45 -23.30 24.15 25.31
C THR C 45 -23.30 22.70 24.81
N GLU C 46 -22.18 22.01 24.90
CA GLU C 46 -22.14 20.62 24.43
C GLU C 46 -20.95 19.82 24.95
N ILE C 47 -21.13 18.51 25.02
CA ILE C 47 -20.03 17.61 25.31
C ILE C 47 -19.81 16.71 24.11
N SER C 48 -18.54 16.46 23.77
CA SER C 48 -18.25 15.53 22.72
C SER C 48 -17.19 14.54 23.17
N CYS C 49 -17.41 13.28 22.82
CA CYS C 49 -16.43 12.22 23.05
C CYS C 49 -16.13 11.54 21.73
N CYS C 50 -14.85 11.39 21.42
CA CYS C 50 -14.41 10.70 20.23
C CYS C 50 -13.52 9.53 20.64
N THR C 51 -13.54 8.47 19.86
CA THR C 51 -12.66 7.38 20.18
C THR C 51 -11.24 7.71 19.73
N LEU C 52 -10.26 7.22 20.51
CA LEU C 52 -8.86 7.30 20.15
C LEU C 52 -8.40 6.09 19.32
N VAL C 53 -9.25 5.08 19.21
CA VAL C 53 -8.78 3.80 18.64
C VAL C 53 -9.07 3.66 17.16
N SER C 54 -8.03 3.59 16.31
CA SER C 54 -8.23 3.19 14.92
C SER C 54 -8.37 1.68 14.82
N THR C 55 -9.45 1.24 14.18
CA THR C 55 -9.69 -0.18 13.95
C THR C 55 -9.17 -0.65 12.57
N PRO C 56 -8.28 -1.63 12.57
CA PRO C 56 -7.78 -2.23 11.32
C PRO C 56 -8.81 -3.19 10.72
N VAL C 57 -9.02 -3.10 9.43
CA VAL C 57 -10.02 -3.93 8.77
C VAL C 57 -9.45 -4.51 7.48
N GLY C 58 -8.27 -4.02 7.10
CA GLY C 58 -7.65 -4.47 5.88
C GLY C 58 -6.40 -5.26 6.17
N TYR C 59 -6.56 -6.58 6.26
CA TYR C 59 -5.43 -7.46 6.54
C TYR C 59 -5.79 -8.94 6.33
N ASP C 60 -4.77 -9.79 6.28
CA ASP C 60 -4.95 -11.22 6.12
C ASP C 60 -5.61 -11.86 7.33
N LYS C 61 -6.90 -12.15 7.24
CA LYS C 61 -7.65 -12.66 8.37
C LYS C 61 -7.48 -14.16 8.58
N ASP C 62 -6.86 -14.82 7.60
CA ASP C 62 -6.59 -16.24 7.74
C ASP C 62 -5.39 -16.44 8.63
N ASN C 63 -4.34 -15.65 8.41
CA ASN C 63 -3.07 -15.84 9.10
C ASN C 63 -2.71 -14.80 10.16
N CYS C 64 -3.55 -13.77 10.29
CA CYS C 64 -3.27 -12.68 11.23
C CYS C 64 -4.50 -12.36 12.08
N GLN C 65 -4.27 -11.76 13.24
CA GLN C 65 -5.37 -11.41 14.12
C GLN C 65 -5.11 -10.02 14.67
N ARG C 66 -6.17 -9.33 15.07
CA ARG C 66 -6.00 -8.04 15.72
C ARG C 66 -6.17 -8.19 17.21
N ILE C 67 -5.33 -7.50 17.97
CA ILE C 67 -5.38 -7.60 19.41
C ILE C 67 -5.35 -6.21 19.97
N PHE C 68 -6.30 -5.93 20.86
CA PHE C 68 -6.44 -4.62 21.46
C PHE C 68 -5.45 -4.45 22.61
N LYS C 69 -4.56 -3.46 22.47
CA LYS C 69 -3.65 -3.08 23.55
C LYS C 69 -4.18 -1.82 24.26
N LYS C 70 -4.96 -2.04 25.31
CA LYS C 70 -5.65 -0.96 25.99
C LYS C 70 -4.71 0.16 26.43
N GLU C 71 -3.53 -0.21 26.90
CA GLU C 71 -2.60 0.73 27.49
C GLU C 71 -2.04 1.71 26.46
N ASP C 72 -2.29 1.43 25.19
CA ASP C 72 -1.83 2.32 24.13
C ASP C 72 -3.04 2.78 23.34
N CYS C 73 -4.23 2.42 23.80
CA CYS C 73 -5.42 2.75 23.04
C CYS C 73 -5.27 2.48 21.55
N LYS C 74 -4.77 1.28 21.21
CA LYS C 74 -4.58 0.89 19.82
C LYS C 74 -4.74 -0.61 19.62
N TYR C 75 -4.91 -1.01 18.37
CA TYR C 75 -4.87 -2.43 18.03
C TYR C 75 -3.51 -2.75 17.45
N ILE C 76 -3.05 -3.97 17.68
CA ILE C 76 -2.02 -4.52 16.83
C ILE C 76 -2.61 -5.63 15.99
N VAL C 77 -2.01 -5.85 14.83
CA VAL C 77 -2.38 -6.94 13.94
C VAL C 77 -1.12 -7.77 13.76
N VAL C 78 -1.22 -9.07 14.05
CA VAL C 78 -0.04 -9.94 14.17
C VAL C 78 -0.33 -11.35 13.66
N GLU C 79 0.72 -12.14 13.48
CA GLU C 79 0.57 -13.50 12.97
C GLU C 79 -0.04 -14.39 14.05
N LYS C 80 -1.09 -15.12 13.70
CA LYS C 80 -1.66 -16.12 14.63
C LYS C 80 -0.59 -17.08 15.14
N LYS C 81 0.28 -17.54 14.25
CA LYS C 81 1.31 -18.52 14.63
C LYS C 81 2.45 -17.92 15.43
N ASP C 82 2.53 -16.58 15.48
CA ASP C 82 3.51 -15.91 16.32
C ASP C 82 3.08 -14.45 16.51
N PRO C 83 2.26 -14.20 17.54
CA PRO C 83 1.71 -12.86 17.74
C PRO C 83 2.79 -11.81 18.05
N LYS C 84 4.05 -12.22 18.13
CA LYS C 84 5.16 -11.25 18.29
C LYS C 84 5.61 -10.66 16.94
N LYS C 85 5.10 -11.22 15.85
CA LYS C 85 5.41 -10.70 14.53
C LYS C 85 4.19 -10.01 13.95
N THR C 86 4.28 -8.71 13.72
CA THR C 86 3.14 -7.94 13.22
C THR C 86 2.89 -8.19 11.71
N CYS C 87 1.63 -8.10 11.27
CA CYS C 87 1.29 -8.21 9.86
C CYS C 87 1.06 -6.79 9.33
N SER C 88 1.18 -6.61 8.03
CA SER C 88 0.92 -5.29 7.46
C SER C 88 -0.60 -5.10 7.30
N VAL C 89 -1.06 -3.88 7.51
CA VAL C 89 -2.49 -3.56 7.38
C VAL C 89 -2.72 -2.53 6.28
N SER C 90 -3.68 -2.83 5.40
CA SER C 90 -3.94 -2.02 4.22
C SER C 90 -5.01 -0.94 4.44
N GLU C 91 -5.87 -1.14 5.44
CA GLU C 91 -6.97 -0.22 5.67
C GLU C 91 -7.44 -0.16 7.11
N TRP C 92 -7.54 1.05 7.64
CA TRP C 92 -8.08 1.28 8.97
C TRP C 92 -9.31 2.18 8.93
N ILE C 93 -10.10 2.12 10.00
CA ILE C 93 -11.20 3.05 10.19
C ILE C 93 -11.13 3.60 11.60
N ILE C 94 -11.61 4.83 11.77
CA ILE C 94 -11.82 5.39 13.10
C ILE C 94 -13.14 6.13 13.14
N SER D 1 -16.40 9.64 11.23
CA SER D 1 -15.77 8.40 10.83
C SER D 1 -15.00 8.57 9.53
N CYS D 2 -13.81 7.98 9.53
CA CYS D 2 -12.89 8.05 8.41
C CYS D 2 -12.41 6.65 8.08
N TYR D 3 -11.97 6.44 6.84
CA TYR D 3 -11.10 5.31 6.54
C TYR D 3 -9.75 5.84 6.07
N PHE D 4 -8.71 5.05 6.25
CA PHE D 4 -7.35 5.46 5.90
C PHE D 4 -6.68 4.31 5.19
N ILE D 5 -6.12 4.61 4.03
CA ILE D 5 -5.21 3.69 3.36
C ILE D 5 -3.82 4.31 3.34
N PRO D 6 -2.92 3.82 4.22
CA PRO D 6 -1.57 4.37 4.36
C PRO D 6 -0.81 4.44 3.04
N ASN D 7 -1.07 3.48 2.16
CA ASN D 7 -0.35 3.39 0.90
C ASN D 7 -1.20 2.63 -0.11
N GLU D 8 -1.94 3.36 -0.94
CA GLU D 8 -2.89 2.67 -1.80
C GLU D 8 -2.22 1.84 -2.90
N GLY D 9 -0.92 2.03 -3.11
CA GLY D 9 -0.20 1.18 -4.03
C GLY D 9 0.99 1.85 -4.69
N VAL D 10 1.84 1.03 -5.33
CA VAL D 10 2.97 1.53 -6.11
C VAL D 10 2.44 2.10 -7.44
N PRO D 11 2.69 3.40 -7.66
CA PRO D 11 2.24 4.08 -8.88
C PRO D 11 2.91 3.52 -10.12
N GLY D 12 2.22 3.60 -11.26
CA GLY D 12 2.84 3.35 -12.55
C GLY D 12 3.27 4.68 -13.16
N ASP D 13 3.00 5.76 -12.44
CA ASP D 13 3.27 7.11 -12.91
C ASP D 13 4.44 7.76 -12.19
N SER D 14 5.08 8.71 -12.87
CA SER D 14 5.97 9.67 -12.23
C SER D 14 5.16 10.94 -12.06
N THR D 15 3.85 10.78 -12.23
CA THR D 15 2.90 11.89 -12.22
C THR D 15 2.51 12.28 -10.80
N ARG D 16 2.86 11.44 -9.82
CA ARG D 16 2.51 11.71 -8.43
C ARG D 16 1.02 11.99 -8.27
N LYS D 17 0.20 11.02 -8.65
CA LYS D 17 -1.23 11.10 -8.42
C LYS D 17 -1.70 9.96 -7.53
N CYS D 18 -2.83 10.16 -6.88
CA CYS D 18 -3.46 9.06 -6.16
C CYS D 18 -4.84 8.87 -6.76
N MET D 19 -5.52 7.81 -6.35
CA MET D 19 -6.82 7.52 -6.87
C MET D 19 -7.82 7.34 -5.72
N ASP D 20 -9.05 7.80 -5.92
CA ASP D 20 -10.09 7.61 -4.93
C ASP D 20 -10.75 6.26 -5.20
N LEU D 21 -11.79 5.93 -4.44
CA LEU D 21 -12.36 4.60 -4.60
C LEU D 21 -13.13 4.44 -5.91
N LYS D 22 -13.34 5.55 -6.63
CA LYS D 22 -13.90 5.48 -7.97
C LYS D 22 -12.81 5.37 -9.04
N GLY D 23 -11.55 5.29 -8.60
CA GLY D 23 -10.44 5.19 -9.54
C GLY D 23 -10.22 6.49 -10.32
N ASN D 24 -10.75 7.60 -9.77
CA ASN D 24 -10.46 8.92 -10.31
C ASN D 24 -9.20 9.42 -9.65
N LYS D 25 -8.38 10.13 -10.43
CA LYS D 25 -7.09 10.59 -9.93
C LYS D 25 -7.18 11.96 -9.27
N HIS D 26 -6.36 12.13 -8.24
CA HIS D 26 -6.18 13.40 -7.57
C HIS D 26 -4.69 13.53 -7.33
N PRO D 27 -4.17 14.76 -7.37
CA PRO D 27 -2.74 14.97 -7.12
C PRO D 27 -2.41 14.64 -5.67
N ILE D 28 -1.24 14.08 -5.40
CA ILE D 28 -0.86 13.82 -4.02
C ILE D 28 -0.75 15.12 -3.22
N ASN D 29 -0.96 15.03 -1.92
CA ASN D 29 -0.96 16.22 -1.08
C ASN D 29 -1.98 17.23 -1.56
N SER D 30 -3.21 16.77 -1.74
CA SER D 30 -4.33 17.66 -1.94
C SER D 30 -5.53 17.15 -1.17
N GLU D 31 -6.53 18.01 -1.05
CA GLU D 31 -7.72 17.66 -0.36
C GLU D 31 -8.91 18.11 -1.18
N TRP D 32 -10.00 17.37 -1.10
CA TRP D 32 -11.19 17.68 -1.88
C TRP D 32 -12.44 17.20 -1.16
N GLN D 33 -13.56 17.78 -1.56
CA GLN D 33 -14.85 17.34 -1.07
C GLN D 33 -15.57 16.57 -2.18
N THR D 34 -16.11 15.41 -1.83
CA THR D 34 -16.84 14.58 -2.78
C THR D 34 -18.28 15.09 -2.96
N ASP D 35 -18.97 14.54 -3.95
CA ASP D 35 -20.37 14.87 -4.23
C ASP D 35 -21.23 14.26 -3.14
N ASN D 36 -20.57 13.56 -2.22
CA ASN D 36 -21.26 12.78 -1.21
C ASN D 36 -21.00 13.22 0.24
N CYS D 37 -20.60 14.46 0.43
CA CYS D 37 -20.39 14.97 1.79
C CYS D 37 -19.25 14.28 2.56
N GLU D 38 -18.20 13.92 1.85
CA GLU D 38 -16.99 13.47 2.49
C GLU D 38 -15.86 14.45 2.24
N THR D 39 -14.94 14.53 3.19
CA THR D 39 -13.69 15.22 2.95
C THR D 39 -12.56 14.19 2.85
N CYS D 40 -11.82 14.27 1.75
CA CYS D 40 -10.74 13.34 1.45
C CYS D 40 -9.39 14.02 1.30
N THR D 41 -8.34 13.31 1.66
CA THR D 41 -7.00 13.83 1.47
C THR D 41 -6.11 12.72 0.91
N CYS D 42 -5.21 13.10 0.01
CA CYS D 42 -4.11 12.24 -0.35
C CYS D 42 -2.86 12.91 0.15
N TYR D 43 -2.10 12.20 0.98
CA TYR D 43 -0.73 12.63 1.25
C TYR D 43 0.26 11.54 0.90
N GLU D 44 1.30 11.92 0.16
CA GLU D 44 2.30 10.98 -0.28
C GLU D 44 1.65 9.76 -0.89
N THR D 45 1.49 8.70 -0.10
CA THR D 45 0.91 7.46 -0.60
C THR D 45 -0.51 7.19 -0.09
N GLU D 46 -0.82 7.82 1.04
CA GLU D 46 -2.02 7.49 1.77
C GLU D 46 -3.23 8.28 1.28
N ILE D 47 -4.39 7.63 1.29
CA ILE D 47 -5.64 8.34 1.06
C ILE D 47 -6.54 8.12 2.27
N SER D 48 -7.19 9.19 2.73
CA SER D 48 -8.21 9.06 3.76
C SER D 48 -9.40 9.95 3.47
N CYS D 49 -10.59 9.46 3.81
CA CYS D 49 -11.82 10.17 3.60
C CYS D 49 -12.57 10.10 4.90
N CYS D 50 -13.16 11.24 5.31
CA CYS D 50 -13.97 11.29 6.51
C CYS D 50 -15.33 11.87 6.14
N THR D 51 -16.38 11.42 6.81
CA THR D 51 -17.67 12.02 6.57
C THR D 51 -17.75 13.43 7.19
N LEU D 52 -18.45 14.33 6.51
CA LEU D 52 -18.75 15.66 7.05
C LEU D 52 -20.10 15.71 7.81
N VAL D 53 -20.86 14.62 7.77
CA VAL D 53 -22.22 14.64 8.32
C VAL D 53 -22.36 14.14 9.75
N SER D 54 -22.91 14.98 10.63
CA SER D 54 -23.35 14.50 11.94
C SER D 54 -24.76 13.93 11.80
N THR D 55 -24.93 12.69 12.22
CA THR D 55 -26.21 12.04 12.21
C THR D 55 -26.85 12.17 13.58
N PRO D 56 -28.08 12.67 13.61
CA PRO D 56 -28.85 12.75 14.88
C PRO D 56 -29.39 11.37 15.16
N VAL D 57 -29.25 10.90 16.39
CA VAL D 57 -29.75 9.58 16.77
C VAL D 57 -30.63 9.69 18.01
N GLY D 58 -30.65 10.86 18.63
CA GLY D 58 -31.36 11.03 19.88
C GLY D 58 -32.54 11.97 19.76
N TYR D 59 -33.71 11.42 19.49
CA TYR D 59 -34.89 12.25 19.32
C TYR D 59 -36.15 11.40 19.36
N ASP D 60 -37.29 12.08 19.42
CA ASP D 60 -38.58 11.41 19.41
C ASP D 60 -38.81 10.82 18.04
N LYS D 61 -38.61 9.51 17.92
CA LYS D 61 -38.72 8.83 16.64
C LYS D 61 -40.16 8.51 16.22
N ASP D 62 -41.10 8.61 17.16
CA ASP D 62 -42.50 8.40 16.85
C ASP D 62 -43.12 9.60 16.16
N ASN D 63 -42.85 10.81 16.68
CA ASN D 63 -43.43 12.03 16.13
C ASN D 63 -42.48 12.88 15.29
N CYS D 64 -41.23 12.44 15.16
CA CYS D 64 -40.24 13.25 14.48
C CYS D 64 -39.42 12.42 13.54
N GLN D 65 -38.88 13.06 12.50
CA GLN D 65 -38.07 12.38 11.51
C GLN D 65 -36.84 13.19 11.17
N ARG D 66 -35.77 12.50 10.75
CA ARG D 66 -34.61 13.19 10.22
C ARG D 66 -34.62 13.25 8.71
N ILE D 67 -34.21 14.39 8.20
CA ILE D 67 -34.24 14.64 6.77
C ILE D 67 -32.90 15.21 6.37
N PHE D 68 -32.24 14.53 5.44
CA PHE D 68 -30.93 14.95 4.97
C PHE D 68 -31.00 16.16 4.04
N LYS D 69 -30.11 17.12 4.24
CA LYS D 69 -29.95 18.24 3.32
C LYS D 69 -28.60 18.17 2.65
N LYS D 70 -28.59 17.53 1.49
CA LYS D 70 -27.37 17.13 0.83
C LYS D 70 -26.51 18.35 0.56
N GLU D 71 -27.14 19.37 -0.01
CA GLU D 71 -26.44 20.58 -0.43
C GLU D 71 -25.76 21.26 0.76
N ASP D 72 -26.25 21.00 1.98
CA ASP D 72 -25.65 21.52 3.20
C ASP D 72 -24.83 20.49 3.97
N CYS D 73 -24.81 19.25 3.48
CA CYS D 73 -24.18 18.15 4.23
C CYS D 73 -24.59 18.11 5.70
N LYS D 74 -25.89 18.29 5.97
CA LYS D 74 -26.41 18.17 7.34
C LYS D 74 -27.81 17.57 7.37
N TYR D 75 -28.27 17.19 8.56
CA TYR D 75 -29.65 16.74 8.72
C TYR D 75 -30.40 17.82 9.47
N ILE D 76 -31.71 17.83 9.29
CA ILE D 76 -32.60 18.50 10.20
C ILE D 76 -33.50 17.41 10.78
N VAL D 77 -34.03 17.68 11.96
CA VAL D 77 -34.93 16.76 12.63
C VAL D 77 -36.22 17.53 12.91
N VAL D 78 -37.33 17.05 12.34
CA VAL D 78 -38.58 17.83 12.36
C VAL D 78 -39.80 16.96 12.63
N GLU D 79 -40.93 17.59 12.93
CA GLU D 79 -42.16 16.88 13.23
C GLU D 79 -42.71 16.24 11.95
N LYS D 80 -43.08 14.97 12.04
CA LYS D 80 -43.70 14.29 10.90
C LYS D 80 -44.94 15.03 10.47
N LYS D 81 -45.72 15.49 11.43
CA LYS D 81 -47.00 16.15 11.15
C LYS D 81 -46.81 17.56 10.59
N ASP D 82 -45.60 18.10 10.76
CA ASP D 82 -45.30 19.44 10.25
C ASP D 82 -43.80 19.65 10.09
N PRO D 83 -43.22 19.14 9.00
CA PRO D 83 -41.78 19.19 8.78
C PRO D 83 -41.17 20.59 8.79
N LYS D 84 -41.96 21.61 9.08
CA LYS D 84 -41.42 22.96 9.23
C LYS D 84 -41.06 23.22 10.70
N LYS D 85 -41.50 22.30 11.57
CA LYS D 85 -41.30 22.44 13.00
C LYS D 85 -40.24 21.47 13.53
N THR D 86 -39.17 22.05 14.05
CA THR D 86 -38.04 21.31 14.62
C THR D 86 -38.42 20.51 15.85
N CYS D 87 -37.71 19.42 16.09
CA CYS D 87 -37.79 18.72 17.37
C CYS D 87 -36.44 18.85 18.04
N SER D 88 -36.37 18.62 19.35
CA SER D 88 -35.10 18.70 20.03
C SER D 88 -34.31 17.41 19.84
N VAL D 89 -32.99 17.53 19.75
CA VAL D 89 -32.14 16.35 19.60
C VAL D 89 -31.22 16.21 20.79
N SER D 90 -31.11 14.98 21.27
CA SER D 90 -30.36 14.71 22.48
C SER D 90 -28.99 14.10 22.19
N GLU D 91 -28.80 13.59 20.97
CA GLU D 91 -27.53 12.98 20.59
C GLU D 91 -27.28 13.01 19.08
N TRP D 92 -26.08 13.44 18.71
CA TRP D 92 -25.64 13.42 17.32
C TRP D 92 -24.41 12.52 17.25
N ILE D 93 -24.20 11.90 16.10
CA ILE D 93 -23.00 11.11 15.94
C ILE D 93 -22.34 11.48 14.64
N ILE D 94 -21.01 11.42 14.63
CA ILE D 94 -20.27 11.65 13.40
C ILE D 94 -19.02 10.80 13.32
#